data_1GNW
#
_entry.id   1GNW
#
_cell.length_a   113.300
_cell.length_b   113.300
_cell.length_c   69.960
_cell.angle_alpha   90.00
_cell.angle_beta   90.00
_cell.angle_gamma   120.00
#
_symmetry.space_group_name_H-M   'P 63'
#
loop_
_entity.id
_entity.type
_entity.pdbx_description
1 polymer 'GLUTATHIONE S-TRANSFERASE'
2 non-polymer S-HEXYLGLUTATHIONE
3 water water
#
_entity_poly.entity_id   1
_entity_poly.type   'polypeptide(L)'
_entity_poly.pdbx_seq_one_letter_code
;AGIKVFGHPASIATRRVLIALHEKNLDFELVHVELKDGEHKKEPFLSRNPFGQVPAFEDGDLKLFESRAITQYIAHRYEN
QGTNLLQTDSKNISQYAIMAIGMQVEDHQFDPVASKLAFEQIFKSIYGLTTDEAVVAEEEAKLAKVLDVYEARLKEFKYL
AGETFTLTDLHHIPAIQYLLGTPTKKLFTERPRVNEWVAEITKRPASEKVQ
;
_entity_poly.pdbx_strand_id   A,B
#
# COMPACT_ATOMS: atom_id res chain seq x y z
N GLY A 2 27.03 3.22 -6.68
CA GLY A 2 26.48 1.85 -6.96
C GLY A 2 25.09 1.71 -6.37
N ILE A 3 24.55 0.49 -6.41
CA ILE A 3 23.24 0.21 -5.88
C ILE A 3 23.44 -0.56 -4.60
N LYS A 4 23.03 0.00 -3.47
CA LYS A 4 23.16 -0.73 -2.23
C LYS A 4 21.83 -0.86 -1.52
N VAL A 5 21.62 -2.01 -0.90
CA VAL A 5 20.41 -2.25 -0.16
C VAL A 5 20.83 -2.26 1.29
N PHE A 6 20.22 -1.42 2.09
CA PHE A 6 20.51 -1.39 3.50
C PHE A 6 19.36 -2.17 4.12
N GLY A 7 19.64 -3.41 4.50
CA GLY A 7 18.60 -4.24 5.08
C GLY A 7 19.15 -5.46 5.76
N HIS A 8 18.25 -6.37 6.09
CA HIS A 8 18.60 -7.61 6.74
C HIS A 8 18.14 -8.75 5.84
N PRO A 9 19.05 -9.67 5.54
CA PRO A 9 18.76 -10.82 4.69
C PRO A 9 17.54 -11.73 5.02
N ALA A 10 17.10 -11.80 6.27
CA ALA A 10 15.95 -12.65 6.60
C ALA A 10 14.63 -11.93 6.50
N SER A 11 14.65 -10.62 6.38
CA SER A 11 13.39 -9.92 6.33
C SER A 11 12.66 -10.11 4.97
N ILE A 12 11.34 -10.29 5.03
CA ILE A 12 10.51 -10.47 3.84
C ILE A 12 10.63 -9.31 2.87
N ALA A 13 10.43 -8.09 3.38
CA ALA A 13 10.50 -6.87 2.60
C ALA A 13 11.86 -6.69 1.92
N THR A 14 12.94 -6.96 2.65
CA THR A 14 14.27 -6.85 2.06
C THR A 14 14.44 -7.86 0.94
N ARG A 15 13.91 -9.06 1.13
CA ARG A 15 14.03 -10.09 0.11
C ARG A 15 13.33 -9.72 -1.19
N ARG A 16 12.21 -9.00 -1.04
CA ARG A 16 11.38 -8.50 -2.15
C ARG A 16 12.23 -7.63 -3.10
N VAL A 17 13.08 -6.79 -2.50
CA VAL A 17 13.96 -5.93 -3.26
C VAL A 17 15.06 -6.73 -3.95
N LEU A 18 15.67 -7.64 -3.19
CA LEU A 18 16.73 -8.50 -3.68
C LEU A 18 16.32 -9.29 -4.90
N ILE A 19 15.16 -9.91 -4.87
CA ILE A 19 14.66 -10.67 -6.00
C ILE A 19 14.49 -9.73 -7.23
N ALA A 20 13.92 -8.54 -7.06
CA ALA A 20 13.74 -7.60 -8.19
C ALA A 20 15.09 -7.34 -8.81
N LEU A 21 16.08 -7.17 -7.95
CA LEU A 21 17.46 -6.93 -8.35
C LEU A 21 18.08 -8.11 -9.13
N HIS A 22 17.84 -9.34 -8.66
CA HIS A 22 18.38 -10.52 -9.32
C HIS A 22 17.68 -10.77 -10.65
N GLU A 23 16.40 -10.44 -10.69
CA GLU A 23 15.54 -10.57 -11.88
C GLU A 23 16.11 -9.70 -12.99
N LYS A 24 16.50 -8.48 -12.66
CA LYS A 24 17.09 -7.54 -13.61
C LYS A 24 18.60 -7.80 -13.83
N ASN A 25 19.11 -8.80 -13.13
CA ASN A 25 20.52 -9.14 -13.21
C ASN A 25 21.38 -7.91 -12.97
N LEU A 26 21.11 -7.22 -11.87
CA LEU A 26 21.86 -6.02 -11.49
C LEU A 26 22.89 -6.33 -10.39
N ASP A 27 23.97 -5.56 -10.38
CA ASP A 27 24.99 -5.72 -9.35
C ASP A 27 24.64 -4.77 -8.22
N PHE A 28 24.63 -5.25 -6.99
CA PHE A 28 24.32 -4.38 -5.88
C PHE A 28 25.13 -4.86 -4.69
N GLU A 29 25.09 -4.08 -3.62
CA GLU A 29 25.78 -4.44 -2.41
C GLU A 29 24.71 -4.46 -1.28
N LEU A 30 24.67 -5.55 -0.53
CA LEU A 30 23.77 -5.66 0.60
C LEU A 30 24.50 -5.17 1.85
N VAL A 31 24.17 -3.96 2.29
CA VAL A 31 24.74 -3.39 3.49
C VAL A 31 23.89 -3.84 4.70
N HIS A 32 24.38 -4.82 5.43
CA HIS A 32 23.72 -5.41 6.59
C HIS A 32 23.36 -4.50 7.78
N VAL A 33 22.06 -4.39 8.08
CA VAL A 33 21.57 -3.59 9.22
C VAL A 33 21.21 -4.61 10.33
N GLU A 34 21.81 -4.46 11.50
CA GLU A 34 21.58 -5.39 12.60
C GLU A 34 20.32 -5.08 13.36
N LEU A 35 19.26 -5.77 12.98
CA LEU A 35 17.97 -5.60 13.61
C LEU A 35 18.10 -5.97 15.10
N LYS A 36 18.83 -7.04 15.35
CA LYS A 36 19.09 -7.60 16.68
C LYS A 36 19.70 -6.66 17.72
N ASP A 37 20.48 -5.68 17.26
CA ASP A 37 21.09 -4.71 18.17
C ASP A 37 20.32 -3.41 18.11
N GLY A 38 19.13 -3.45 17.51
CA GLY A 38 18.32 -2.25 17.37
C GLY A 38 18.96 -1.24 16.43
N GLU A 39 19.77 -1.69 15.48
CA GLU A 39 20.42 -0.72 14.57
C GLU A 39 19.41 0.08 13.75
N HIS A 40 18.34 -0.57 13.33
CA HIS A 40 17.34 0.10 12.53
C HIS A 40 16.68 1.26 13.28
N LYS A 41 16.90 1.32 14.59
CA LYS A 41 16.27 2.35 15.39
C LYS A 41 17.20 3.45 15.83
N LYS A 42 18.34 3.52 15.19
CA LYS A 42 19.27 4.54 15.56
C LYS A 42 19.99 5.15 14.40
N GLU A 43 20.58 6.28 14.69
CA GLU A 43 21.40 7.04 13.78
C GLU A 43 22.60 6.14 13.45
N PRO A 44 23.09 6.19 12.20
CA PRO A 44 22.58 7.03 11.12
C PRO A 44 21.47 6.40 10.31
N PHE A 45 21.07 5.17 10.62
CA PHE A 45 19.99 4.55 9.85
C PHE A 45 18.71 5.36 9.79
N LEU A 46 18.38 6.00 10.90
CA LEU A 46 17.21 6.83 10.96
C LEU A 46 17.27 7.90 9.88
N SER A 47 18.48 8.23 9.44
CA SER A 47 18.63 9.24 8.41
C SER A 47 18.27 8.72 7.03
N ARG A 48 18.26 7.40 6.89
CA ARG A 48 17.92 6.78 5.61
C ARG A 48 16.41 6.53 5.62
N ASN A 49 15.87 6.17 6.78
CA ASN A 49 14.45 5.91 6.91
C ASN A 49 14.06 6.33 8.30
N PRO A 50 13.41 7.50 8.42
CA PRO A 50 12.99 8.00 9.71
C PRO A 50 12.00 7.10 10.44
N PHE A 51 11.35 6.22 9.71
CA PHE A 51 10.39 5.32 10.33
C PHE A 51 11.08 4.10 10.87
N GLY A 52 12.42 4.13 10.82
CA GLY A 52 13.24 3.06 11.32
C GLY A 52 12.90 1.65 10.94
N GLN A 53 12.76 1.37 9.64
CA GLN A 53 12.46 0.00 9.18
C GLN A 53 13.35 -0.32 7.97
N VAL A 54 13.60 -1.59 7.76
CA VAL A 54 14.39 -2.01 6.60
C VAL A 54 13.37 -2.52 5.58
N PRO A 55 13.69 -2.45 4.28
CA PRO A 55 14.95 -1.93 3.73
C PRO A 55 14.97 -0.44 3.39
N ALA A 56 16.18 0.05 3.15
CA ALA A 56 16.42 1.41 2.69
C ALA A 56 17.21 1.09 1.42
N PHE A 57 17.44 2.07 0.56
CA PHE A 57 18.07 1.76 -0.70
C PHE A 57 18.73 2.99 -1.28
N GLU A 58 19.70 2.76 -2.16
CA GLU A 58 20.45 3.82 -2.81
C GLU A 58 20.86 3.42 -4.23
N ASP A 59 20.63 4.29 -5.19
CA ASP A 59 21.07 4.04 -6.55
C ASP A 59 21.80 5.32 -6.89
N GLY A 60 23.12 5.27 -6.74
CA GLY A 60 23.92 6.46 -6.97
C GLY A 60 23.53 7.51 -5.94
N ASP A 61 23.01 8.64 -6.39
CA ASP A 61 22.63 9.70 -5.48
C ASP A 61 21.17 9.64 -5.04
N LEU A 62 20.39 8.69 -5.58
CA LEU A 62 18.99 8.56 -5.19
C LEU A 62 18.84 7.60 -4.01
N LYS A 63 18.16 8.08 -2.98
CA LYS A 63 17.90 7.32 -1.77
C LYS A 63 16.39 7.06 -1.61
N LEU A 64 16.05 5.81 -1.37
CA LEU A 64 14.66 5.40 -1.23
C LEU A 64 14.53 4.46 -0.05
N PHE A 65 13.30 4.31 0.45
CA PHE A 65 12.99 3.32 1.49
C PHE A 65 11.59 2.86 1.07
N GLU A 66 11.03 1.86 1.73
CA GLU A 66 9.73 1.32 1.40
C GLU A 66 9.90 0.37 0.20
N SER A 67 9.85 -0.93 0.44
CA SER A 67 10.07 -1.95 -0.58
C SER A 67 9.21 -1.98 -1.83
N ARG A 68 7.92 -1.64 -1.73
CA ARG A 68 7.04 -1.60 -2.90
C ARG A 68 7.53 -0.48 -3.83
N ALA A 69 7.83 0.69 -3.26
CA ALA A 69 8.35 1.86 -4.01
C ALA A 69 9.68 1.51 -4.71
N ILE A 70 10.57 0.81 -4.01
CA ILE A 70 11.86 0.40 -4.54
C ILE A 70 11.72 -0.55 -5.72
N THR A 71 10.91 -1.59 -5.57
CA THR A 71 10.76 -2.52 -6.68
C THR A 71 10.16 -1.88 -7.92
N GLN A 72 9.31 -0.85 -7.73
CA GLN A 72 8.66 -0.13 -8.84
C GLN A 72 9.67 0.71 -9.58
N TYR A 73 10.53 1.36 -8.81
CA TYR A 73 11.65 2.14 -9.33
C TYR A 73 12.54 1.23 -10.20
N ILE A 74 12.91 0.06 -9.66
CA ILE A 74 13.74 -0.89 -10.40
C ILE A 74 13.11 -1.36 -11.72
N ALA A 75 11.83 -1.73 -11.69
CA ALA A 75 11.11 -2.18 -12.87
C ALA A 75 11.12 -1.12 -14.00
N HIS A 76 11.12 0.15 -13.60
CA HIS A 76 11.13 1.26 -14.55
C HIS A 76 12.52 1.78 -14.91
N ARG A 77 13.34 2.05 -13.91
CA ARG A 77 14.67 2.56 -14.19
C ARG A 77 15.44 1.59 -15.04
N TYR A 78 15.31 0.30 -14.75
CA TYR A 78 16.03 -0.75 -15.45
C TYR A 78 15.10 -1.65 -16.28
N GLU A 79 14.09 -1.03 -16.87
CA GLU A 79 13.08 -1.73 -17.65
C GLU A 79 13.54 -2.77 -18.63
N ASN A 80 14.45 -2.37 -19.51
CA ASN A 80 14.98 -3.23 -20.57
C ASN A 80 16.13 -4.17 -20.18
N GLN A 81 16.46 -4.17 -18.91
CA GLN A 81 17.51 -5.02 -18.41
C GLN A 81 16.85 -6.28 -17.85
N GLY A 82 17.38 -7.45 -18.22
CA GLY A 82 16.85 -8.71 -17.74
C GLY A 82 15.35 -8.88 -17.91
N THR A 83 14.74 -9.53 -16.92
CA THR A 83 13.30 -9.78 -16.92
C THR A 83 12.48 -8.53 -16.71
N ASN A 84 11.56 -8.24 -17.64
CA ASN A 84 10.70 -7.08 -17.49
C ASN A 84 9.68 -7.48 -16.45
N LEU A 85 9.61 -6.68 -15.41
CA LEU A 85 8.73 -6.94 -14.28
C LEU A 85 7.38 -6.22 -14.36
N LEU A 86 7.21 -5.44 -15.43
CA LEU A 86 5.99 -4.67 -15.72
C LEU A 86 5.18 -5.44 -16.76
N GLN A 87 3.99 -4.95 -17.07
CA GLN A 87 3.12 -5.60 -18.03
C GLN A 87 3.82 -5.59 -19.39
N THR A 88 3.60 -6.63 -20.19
CA THR A 88 4.17 -6.75 -21.54
C THR A 88 3.97 -5.44 -22.32
N ASP A 89 2.79 -4.86 -22.17
CA ASP A 89 2.48 -3.57 -22.79
C ASP A 89 2.46 -2.63 -21.59
N SER A 90 3.65 -2.22 -21.15
CA SER A 90 3.81 -1.33 -19.99
C SER A 90 3.46 0.13 -20.25
N LYS A 91 2.94 0.40 -21.46
CA LYS A 91 2.54 1.73 -21.86
C LYS A 91 1.05 1.91 -21.56
N ASN A 92 0.31 0.83 -21.70
CA ASN A 92 -1.11 0.80 -21.45
C ASN A 92 -1.42 1.06 -19.96
N ILE A 93 -2.11 2.17 -19.70
CA ILE A 93 -2.54 2.58 -18.37
C ILE A 93 -3.59 1.60 -17.82
N SER A 94 -4.41 1.01 -18.68
CA SER A 94 -5.43 0.04 -18.23
C SER A 94 -4.77 -1.24 -17.71
N GLN A 95 -3.79 -1.71 -18.46
CA GLN A 95 -3.01 -2.91 -18.11
C GLN A 95 -2.26 -2.65 -16.82
N TYR A 96 -1.72 -1.44 -16.70
CA TYR A 96 -0.98 -1.05 -15.55
C TYR A 96 -1.91 -0.93 -14.35
N ALA A 97 -3.14 -0.49 -14.58
CA ALA A 97 -4.12 -0.34 -13.50
C ALA A 97 -4.40 -1.72 -12.89
N ILE A 98 -4.53 -2.73 -13.74
CA ILE A 98 -4.75 -4.09 -13.27
C ILE A 98 -3.61 -4.51 -12.29
N MET A 99 -2.35 -4.36 -12.71
CA MET A 99 -1.20 -4.71 -11.87
C MET A 99 -1.15 -3.91 -10.55
N ALA A 100 -1.47 -2.62 -10.61
CA ALA A 100 -1.45 -1.78 -9.46
C ALA A 100 -2.50 -2.22 -8.44
N ILE A 101 -3.58 -2.83 -8.91
CA ILE A 101 -4.61 -3.32 -7.99
C ILE A 101 -4.04 -4.55 -7.30
N GLY A 102 -3.36 -5.40 -8.07
CA GLY A 102 -2.73 -6.59 -7.53
C GLY A 102 -1.70 -6.24 -6.47
N MET A 103 -0.87 -5.24 -6.72
CA MET A 103 0.14 -4.84 -5.73
C MET A 103 -0.56 -4.32 -4.47
N GLN A 104 -1.59 -3.52 -4.69
CA GLN A 104 -2.40 -2.99 -3.61
C GLN A 104 -3.01 -4.14 -2.78
N VAL A 105 -3.54 -5.13 -3.46
CA VAL A 105 -4.12 -6.29 -2.82
C VAL A 105 -3.15 -7.16 -2.03
N GLU A 106 -1.96 -7.46 -2.54
CA GLU A 106 -1.09 -8.26 -1.66
C GLU A 106 -0.74 -7.42 -0.41
N ASP A 107 -0.63 -6.12 -0.60
CA ASP A 107 -0.30 -5.24 0.51
C ASP A 107 -1.36 -5.23 1.63
N HIS A 108 -2.62 -5.06 1.24
CA HIS A 108 -3.73 -4.99 2.22
C HIS A 108 -4.31 -6.29 2.72
N GLN A 109 -4.41 -7.29 1.85
CA GLN A 109 -5.04 -8.54 2.19
C GLN A 109 -4.14 -9.73 2.51
N PHE A 110 -3.08 -9.84 1.74
CA PHE A 110 -2.19 -10.97 1.90
C PHE A 110 -1.08 -10.80 2.92
N ASP A 111 -0.22 -9.81 2.70
CA ASP A 111 0.92 -9.50 3.52
C ASP A 111 0.76 -9.39 5.05
N PRO A 112 -0.28 -8.68 5.54
CA PRO A 112 -0.37 -8.59 7.00
C PRO A 112 -0.66 -9.94 7.58
N VAL A 113 -1.42 -10.74 6.84
CA VAL A 113 -1.79 -12.06 7.28
C VAL A 113 -0.60 -12.98 7.24
N ALA A 114 0.07 -13.05 6.10
CA ALA A 114 1.24 -13.90 5.92
C ALA A 114 2.34 -13.58 6.94
N SER A 115 2.58 -12.30 7.20
CA SER A 115 3.58 -11.85 8.15
C SER A 115 3.30 -12.27 9.59
N LYS A 116 2.05 -12.20 10.00
CA LYS A 116 1.66 -12.60 11.36
C LYS A 116 1.91 -14.09 11.55
N LEU A 117 1.51 -14.85 10.54
CA LEU A 117 1.68 -16.29 10.45
C LEU A 117 3.17 -16.74 10.49
N ALA A 118 4.07 -15.96 9.90
CA ALA A 118 5.52 -16.26 9.88
C ALA A 118 6.12 -15.86 11.21
N PHE A 119 5.63 -14.77 11.78
CA PHE A 119 6.11 -14.32 13.07
C PHE A 119 5.80 -15.41 14.10
N GLU A 120 4.53 -15.85 14.12
CA GLU A 120 4.05 -16.91 15.00
C GLU A 120 4.79 -18.22 14.92
N GLN A 121 4.87 -18.79 13.71
CA GLN A 121 5.51 -20.07 13.54
C GLN A 121 7.02 -20.08 13.29
N ILE A 122 7.61 -19.00 12.80
CA ILE A 122 9.04 -19.03 12.50
C ILE A 122 9.96 -18.18 13.34
N PHE A 123 9.58 -16.93 13.57
CA PHE A 123 10.39 -16.02 14.39
C PHE A 123 10.42 -16.53 15.84
N LYS A 124 9.22 -16.78 16.40
CA LYS A 124 9.08 -17.28 17.77
C LYS A 124 9.95 -18.51 18.08
N SER A 125 9.95 -19.47 17.16
CA SER A 125 10.72 -20.70 17.22
C SER A 125 12.20 -20.50 17.63
N ILE A 126 12.89 -19.58 16.96
CA ILE A 126 14.30 -19.30 17.24
C ILE A 126 14.59 -19.08 18.74
N TYR A 127 13.76 -18.24 19.34
CA TYR A 127 13.92 -17.87 20.72
C TYR A 127 13.14 -18.71 21.67
N GLY A 128 12.61 -19.81 21.17
CA GLY A 128 11.83 -20.72 21.99
C GLY A 128 10.54 -20.13 22.51
N LEU A 129 10.07 -19.04 21.91
CA LEU A 129 8.82 -18.39 22.34
C LEU A 129 7.67 -19.29 21.90
N THR A 130 6.57 -19.27 22.64
CA THR A 130 5.45 -20.16 22.33
C THR A 130 4.46 -19.61 21.29
N THR A 131 4.25 -20.41 20.25
CA THR A 131 3.33 -20.00 19.21
C THR A 131 1.91 -20.05 19.76
N ASP A 132 1.15 -19.02 19.47
CA ASP A 132 -0.24 -18.89 19.88
C ASP A 132 -1.04 -19.68 18.86
N GLU A 133 -1.53 -20.84 19.26
CA GLU A 133 -2.31 -21.67 18.36
C GLU A 133 -3.59 -20.99 17.89
N ALA A 134 -4.20 -20.16 18.74
CA ALA A 134 -5.44 -19.47 18.36
C ALA A 134 -5.20 -18.41 17.32
N VAL A 135 -4.07 -17.73 17.42
CA VAL A 135 -3.75 -16.72 16.45
C VAL A 135 -3.52 -17.40 15.09
N VAL A 136 -2.68 -18.44 15.09
CA VAL A 136 -2.41 -19.12 13.83
C VAL A 136 -3.65 -19.72 13.14
N ALA A 137 -4.62 -20.25 13.87
CA ALA A 137 -5.83 -20.79 13.22
C ALA A 137 -6.64 -19.63 12.61
N GLU A 138 -6.72 -18.51 13.32
CA GLU A 138 -7.43 -17.34 12.86
C GLU A 138 -6.84 -16.75 11.59
N GLU A 139 -5.54 -16.51 11.61
CA GLU A 139 -4.88 -15.93 10.47
C GLU A 139 -5.01 -16.84 9.28
N GLU A 140 -4.97 -18.16 9.50
CA GLU A 140 -5.13 -19.11 8.39
C GLU A 140 -6.53 -19.02 7.79
N ALA A 141 -7.49 -18.60 8.60
CA ALA A 141 -8.87 -18.44 8.14
C ALA A 141 -8.89 -17.27 7.16
N LYS A 142 -8.16 -16.21 7.51
CA LYS A 142 -8.05 -15.02 6.67
C LYS A 142 -7.32 -15.36 5.37
N LEU A 143 -6.24 -16.13 5.47
CA LEU A 143 -5.44 -16.47 4.28
C LEU A 143 -6.19 -17.30 3.24
N ALA A 144 -6.87 -18.35 3.69
CA ALA A 144 -7.65 -19.22 2.82
C ALA A 144 -8.63 -18.33 2.03
N LYS A 145 -9.30 -17.43 2.75
CA LYS A 145 -10.24 -16.49 2.16
C LYS A 145 -9.59 -15.73 0.99
N VAL A 146 -8.43 -15.10 1.23
CA VAL A 146 -7.68 -14.37 0.20
C VAL A 146 -7.26 -15.34 -0.93
N LEU A 147 -6.90 -16.55 -0.54
CA LEU A 147 -6.49 -17.60 -1.48
C LEU A 147 -7.66 -18.10 -2.36
N ASP A 148 -8.87 -18.03 -1.85
CA ASP A 148 -9.96 -18.48 -2.68
C ASP A 148 -10.13 -17.44 -3.82
N VAL A 149 -9.80 -16.19 -3.53
CA VAL A 149 -9.88 -15.14 -4.53
C VAL A 149 -8.80 -15.42 -5.59
N TYR A 150 -7.55 -15.62 -5.18
CA TYR A 150 -6.49 -15.89 -6.12
C TYR A 150 -6.85 -17.11 -6.96
N GLU A 151 -7.47 -18.12 -6.33
CA GLU A 151 -7.84 -19.33 -7.05
C GLU A 151 -8.75 -19.07 -8.24
N ALA A 152 -9.77 -18.25 -8.05
CA ALA A 152 -10.71 -17.89 -9.10
C ALA A 152 -10.06 -17.03 -10.19
N ARG A 153 -9.17 -16.15 -9.76
CA ARG A 153 -8.46 -15.28 -10.67
C ARG A 153 -7.54 -16.13 -11.52
N LEU A 154 -6.85 -17.06 -10.89
CA LEU A 154 -5.90 -17.92 -11.55
C LEU A 154 -6.52 -18.95 -12.48
N LYS A 155 -7.82 -19.16 -12.36
CA LYS A 155 -8.49 -20.11 -13.27
C LYS A 155 -8.70 -19.45 -14.64
N GLU A 156 -8.36 -18.17 -14.75
CA GLU A 156 -8.49 -17.41 -16.01
C GLU A 156 -7.21 -16.75 -16.55
N PHE A 157 -6.24 -16.50 -15.67
CA PHE A 157 -4.96 -15.89 -16.07
C PHE A 157 -3.81 -16.69 -15.48
N LYS A 158 -2.74 -16.83 -16.26
CA LYS A 158 -1.57 -17.57 -15.81
C LYS A 158 -0.94 -16.98 -14.54
N TYR A 159 -0.87 -15.65 -14.46
CA TYR A 159 -0.34 -14.96 -13.31
C TYR A 159 -1.43 -14.01 -12.79
N LEU A 160 -1.20 -13.43 -11.62
CA LEU A 160 -2.16 -12.55 -11.01
C LEU A 160 -2.61 -11.34 -11.83
N ALA A 161 -1.67 -10.67 -12.50
CA ALA A 161 -2.00 -9.48 -13.26
C ALA A 161 -2.24 -9.63 -14.78
N GLY A 162 -2.04 -10.84 -15.32
CA GLY A 162 -2.23 -11.04 -16.74
C GLY A 162 -1.55 -12.33 -17.09
N GLU A 163 -1.08 -12.46 -18.32
CA GLU A 163 -0.39 -13.70 -18.70
C GLU A 163 1.12 -13.63 -18.50
N THR A 164 1.58 -12.60 -17.79
CA THR A 164 3.01 -12.39 -17.54
C THR A 164 3.30 -12.28 -16.04
N PHE A 165 4.52 -12.65 -15.66
CA PHE A 165 5.00 -12.54 -14.28
C PHE A 165 5.32 -11.04 -14.09
N THR A 166 4.78 -10.41 -13.05
CA THR A 166 5.07 -9.00 -12.84
C THR A 166 5.34 -8.77 -11.37
N LEU A 167 5.44 -7.50 -11.01
CA LEU A 167 5.63 -7.03 -9.63
C LEU A 167 4.54 -7.55 -8.71
N THR A 168 3.38 -7.86 -9.25
CA THR A 168 2.33 -8.35 -8.40
C THR A 168 2.67 -9.75 -7.88
N ASP A 169 3.13 -10.63 -8.76
CA ASP A 169 3.48 -11.98 -8.33
C ASP A 169 4.74 -11.92 -7.45
N LEU A 170 5.77 -11.25 -7.94
CA LEU A 170 7.04 -11.14 -7.24
C LEU A 170 6.91 -10.74 -5.79
N HIS A 171 6.06 -9.75 -5.54
CA HIS A 171 5.83 -9.23 -4.21
C HIS A 171 5.42 -10.28 -3.19
N HIS A 172 4.81 -11.38 -3.66
CA HIS A 172 4.34 -12.49 -2.81
C HIS A 172 5.37 -13.56 -2.55
N ILE A 173 6.50 -13.53 -3.24
CA ILE A 173 7.50 -14.57 -3.03
C ILE A 173 8.15 -14.74 -1.63
N PRO A 174 8.81 -13.71 -1.09
CA PRO A 174 9.43 -13.91 0.23
C PRO A 174 8.56 -14.57 1.31
N ALA A 175 7.35 -14.07 1.49
CA ALA A 175 6.40 -14.59 2.49
C ALA A 175 5.94 -16.01 2.20
N ILE A 176 5.64 -16.32 0.92
CA ILE A 176 5.23 -17.66 0.55
C ILE A 176 6.38 -18.66 0.78
N GLN A 177 7.61 -18.25 0.48
CA GLN A 177 8.76 -19.12 0.68
C GLN A 177 8.86 -19.56 2.15
N TYR A 178 8.63 -18.63 3.07
CA TYR A 178 8.64 -18.93 4.51
C TYR A 178 7.49 -19.79 4.97
N LEU A 179 6.31 -19.53 4.41
CA LEU A 179 5.11 -20.28 4.80
C LEU A 179 5.05 -21.70 4.26
N LEU A 180 5.85 -21.96 3.24
CA LEU A 180 5.91 -23.28 2.61
C LEU A 180 6.68 -24.23 3.53
N GLY A 181 7.44 -23.68 4.46
CA GLY A 181 8.18 -24.54 5.36
C GLY A 181 7.48 -24.53 6.70
N THR A 182 6.17 -24.36 6.66
CA THR A 182 5.36 -24.26 7.86
C THR A 182 4.15 -25.12 7.52
N PRO A 183 3.32 -25.50 8.51
CA PRO A 183 2.16 -26.32 8.12
C PRO A 183 1.03 -25.54 7.38
N THR A 184 1.27 -24.25 7.14
CA THR A 184 0.36 -23.37 6.40
C THR A 184 0.44 -23.69 4.90
N LYS A 185 1.42 -24.50 4.52
CA LYS A 185 1.58 -24.87 3.13
C LYS A 185 0.32 -25.58 2.61
N LYS A 186 -0.47 -26.16 3.52
CA LYS A 186 -1.67 -26.87 3.07
C LYS A 186 -2.64 -25.97 2.31
N LEU A 187 -2.80 -24.75 2.78
CA LEU A 187 -3.68 -23.79 2.14
C LEU A 187 -3.26 -23.51 0.69
N PHE A 188 -1.99 -23.72 0.37
CA PHE A 188 -1.52 -23.47 -0.99
C PHE A 188 -1.67 -24.74 -1.81
N THR A 189 -1.18 -25.82 -1.23
CA THR A 189 -1.21 -27.15 -1.81
C THR A 189 -2.64 -27.66 -2.12
N GLU A 190 -3.59 -27.29 -1.27
CA GLU A 190 -4.96 -27.75 -1.42
C GLU A 190 -5.75 -27.05 -2.52
N ARG A 191 -5.26 -25.90 -2.96
CA ARG A 191 -5.92 -25.15 -4.02
C ARG A 191 -5.06 -25.34 -5.30
N PRO A 192 -5.55 -26.14 -6.24
CA PRO A 192 -4.89 -26.47 -7.52
C PRO A 192 -4.20 -25.35 -8.25
N ARG A 193 -4.96 -24.38 -8.74
CA ARG A 193 -4.36 -23.26 -9.46
C ARG A 193 -3.39 -22.42 -8.64
N VAL A 194 -3.61 -22.30 -7.33
CA VAL A 194 -2.71 -21.51 -6.48
C VAL A 194 -1.40 -22.25 -6.27
N ASN A 195 -1.50 -23.57 -6.10
CA ASN A 195 -0.33 -24.43 -5.90
C ASN A 195 0.64 -24.34 -7.06
N GLU A 196 0.10 -24.44 -8.26
CA GLU A 196 0.86 -24.35 -9.50
C GLU A 196 1.52 -22.96 -9.65
N TRP A 197 0.78 -21.90 -9.31
CA TRP A 197 1.27 -20.53 -9.39
C TRP A 197 2.47 -20.37 -8.43
N VAL A 198 2.32 -20.91 -7.23
CA VAL A 198 3.34 -20.90 -6.21
C VAL A 198 4.59 -21.69 -6.72
N ALA A 199 4.36 -22.83 -7.37
CA ALA A 199 5.46 -23.64 -7.89
C ALA A 199 6.29 -22.83 -8.89
N GLU A 200 5.61 -22.04 -9.71
CA GLU A 200 6.26 -21.21 -10.73
C GLU A 200 7.06 -20.06 -10.18
N ILE A 201 6.47 -19.30 -9.28
CA ILE A 201 7.19 -18.15 -8.74
C ILE A 201 8.32 -18.51 -7.80
N THR A 202 8.20 -19.59 -7.04
CA THR A 202 9.28 -19.94 -6.14
C THR A 202 10.41 -20.75 -6.82
N LYS A 203 10.09 -21.38 -7.95
CA LYS A 203 11.10 -22.15 -8.68
C LYS A 203 11.98 -21.25 -9.54
N ARG A 204 11.68 -19.95 -9.58
CA ARG A 204 12.51 -19.02 -10.36
C ARG A 204 13.89 -18.91 -9.70
N PRO A 205 14.95 -18.88 -10.50
CA PRO A 205 16.32 -18.78 -9.96
C PRO A 205 16.55 -17.51 -9.12
N ALA A 206 15.89 -16.39 -9.47
CA ALA A 206 16.05 -15.14 -8.71
C ALA A 206 15.45 -15.34 -7.31
N SER A 207 14.34 -16.07 -7.26
CA SER A 207 13.63 -16.37 -6.02
C SER A 207 14.50 -17.23 -5.14
N GLU A 208 15.15 -18.20 -5.78
CA GLU A 208 16.03 -19.12 -5.12
C GLU A 208 17.28 -18.45 -4.55
N LYS A 209 17.73 -17.36 -5.18
CA LYS A 209 18.93 -16.64 -4.74
C LYS A 209 18.89 -15.99 -3.36
N VAL A 210 17.70 -15.80 -2.80
CA VAL A 210 17.57 -15.15 -1.50
C VAL A 210 17.30 -16.05 -0.29
N GLN A 211 16.96 -17.32 -0.53
CA GLN A 211 16.72 -18.24 0.58
C GLN A 211 17.97 -18.64 1.38
N GLY B 2 -21.01 6.72 -17.39
CA GLY B 2 -19.63 6.57 -17.99
C GLY B 2 -18.68 6.17 -16.90
N ILE B 3 -18.29 7.17 -16.10
CA ILE B 3 -17.43 6.98 -14.95
C ILE B 3 -18.33 6.89 -13.74
N LYS B 4 -18.24 5.80 -13.00
CA LYS B 4 -19.03 5.70 -11.80
C LYS B 4 -18.25 5.09 -10.63
N VAL B 5 -18.61 5.59 -9.46
CA VAL B 5 -18.03 5.19 -8.19
C VAL B 5 -19.09 4.41 -7.43
N PHE B 6 -18.76 3.16 -7.08
CA PHE B 6 -19.66 2.32 -6.29
C PHE B 6 -19.15 2.40 -4.83
N GLY B 7 -19.71 3.32 -4.05
CA GLY B 7 -19.26 3.48 -2.67
C GLY B 7 -20.24 4.13 -1.71
N HIS B 8 -19.71 4.69 -0.65
CA HIS B 8 -20.51 5.34 0.37
C HIS B 8 -19.89 6.71 0.60
N PRO B 9 -20.68 7.79 0.48
CA PRO B 9 -20.13 9.13 0.66
C PRO B 9 -19.50 9.48 2.02
N ALA B 10 -19.67 8.63 3.02
CA ALA B 10 -19.03 8.92 4.30
C ALA B 10 -17.72 8.17 4.41
N SER B 11 -17.49 7.21 3.52
CA SER B 11 -16.27 6.43 3.58
C SER B 11 -15.03 7.25 3.23
N ILE B 12 -13.93 7.03 3.97
CA ILE B 12 -12.66 7.73 3.77
C ILE B 12 -12.03 7.33 2.42
N ALA B 13 -12.18 6.07 2.03
CA ALA B 13 -11.60 5.58 0.79
C ALA B 13 -12.40 6.05 -0.43
N THR B 14 -13.71 6.24 -0.26
CA THR B 14 -14.56 6.72 -1.34
C THR B 14 -14.35 8.21 -1.54
N ARG B 15 -14.17 8.95 -0.44
CA ARG B 15 -13.98 10.39 -0.55
C ARG B 15 -12.68 10.70 -1.21
N ARG B 16 -11.73 9.77 -1.11
CA ARG B 16 -10.39 9.88 -1.70
C ARG B 16 -10.50 9.84 -3.23
N VAL B 17 -11.34 8.95 -3.75
CA VAL B 17 -11.60 8.81 -5.18
C VAL B 17 -12.40 10.04 -5.65
N LEU B 18 -13.45 10.40 -4.92
CA LEU B 18 -14.25 11.58 -5.24
C LEU B 18 -13.44 12.90 -5.34
N ILE B 19 -12.48 13.13 -4.46
CA ILE B 19 -11.65 14.33 -4.52
C ILE B 19 -10.80 14.37 -5.82
N ALA B 20 -10.32 13.20 -6.25
CA ALA B 20 -9.52 13.06 -7.48
C ALA B 20 -10.33 13.49 -8.70
N LEU B 21 -11.58 13.01 -8.75
CA LEU B 21 -12.52 13.33 -9.81
C LEU B 21 -12.85 14.83 -9.83
N HIS B 22 -13.11 15.40 -8.65
CA HIS B 22 -13.43 16.81 -8.61
C HIS B 22 -12.24 17.60 -9.06
N GLU B 23 -11.06 17.08 -8.74
CA GLU B 23 -9.81 17.71 -9.10
C GLU B 23 -9.61 17.67 -10.63
N LYS B 24 -9.94 16.54 -11.27
CA LYS B 24 -9.81 16.40 -12.72
C LYS B 24 -10.93 17.07 -13.48
N ASN B 25 -11.90 17.61 -12.74
CA ASN B 25 -13.07 18.29 -13.30
C ASN B 25 -13.98 17.27 -14.03
N LEU B 26 -13.92 16.00 -13.60
CA LEU B 26 -14.69 14.96 -14.26
C LEU B 26 -16.12 14.80 -13.79
N ASP B 27 -16.99 14.42 -14.72
CA ASP B 27 -18.39 14.18 -14.43
C ASP B 27 -18.52 12.72 -14.12
N PHE B 28 -19.25 12.42 -13.06
CA PHE B 28 -19.39 11.03 -12.65
C PHE B 28 -20.64 10.81 -11.82
N GLU B 29 -21.04 9.55 -11.75
CA GLU B 29 -22.19 9.13 -10.98
C GLU B 29 -21.71 8.34 -9.75
N LEU B 30 -22.14 8.74 -8.55
CA LEU B 30 -21.79 7.99 -7.36
C LEU B 30 -22.98 7.06 -7.13
N VAL B 31 -22.79 5.77 -7.37
CA VAL B 31 -23.81 4.75 -7.19
C VAL B 31 -23.67 4.32 -5.73
N HIS B 32 -24.69 4.61 -4.93
CA HIS B 32 -24.67 4.31 -3.49
C HIS B 32 -24.78 2.86 -3.08
N VAL B 33 -23.75 2.35 -2.42
CA VAL B 33 -23.74 0.97 -1.93
C VAL B 33 -24.06 1.08 -0.45
N GLU B 34 -25.14 0.43 -0.05
CA GLU B 34 -25.59 0.46 1.34
C GLU B 34 -24.87 -0.52 2.22
N LEU B 35 -23.80 -0.01 2.84
CA LEU B 35 -22.97 -0.76 3.77
C LEU B 35 -23.78 -1.27 4.96
N LYS B 36 -24.59 -0.38 5.53
CA LYS B 36 -25.45 -0.67 6.68
C LYS B 36 -26.42 -1.83 6.44
N ASP B 37 -26.64 -2.18 5.18
CA ASP B 37 -27.53 -3.28 4.83
C ASP B 37 -26.78 -4.51 4.40
N GLY B 38 -25.44 -4.47 4.58
CA GLY B 38 -24.58 -5.58 4.19
C GLY B 38 -24.55 -5.76 2.69
N GLU B 39 -24.93 -4.72 1.95
CA GLU B 39 -24.96 -4.80 0.50
C GLU B 39 -23.59 -5.12 -0.10
N HIS B 40 -22.54 -4.68 0.57
CA HIS B 40 -21.17 -4.91 0.10
C HIS B 40 -20.63 -6.33 0.25
N LYS B 41 -21.36 -7.16 0.99
CA LYS B 41 -20.96 -8.55 1.26
C LYS B 41 -21.79 -9.57 0.50
N LYS B 42 -22.44 -9.13 -0.57
CA LYS B 42 -23.20 -10.04 -1.39
C LYS B 42 -23.19 -9.61 -2.84
N GLU B 43 -23.75 -10.43 -3.71
CA GLU B 43 -23.83 -10.15 -5.14
C GLU B 43 -24.84 -9.05 -5.40
N PRO B 44 -24.66 -8.28 -6.49
CA PRO B 44 -23.58 -8.41 -7.45
C PRO B 44 -22.35 -7.56 -7.14
N PHE B 45 -22.30 -6.95 -5.96
CA PHE B 45 -21.14 -6.11 -5.62
C PHE B 45 -19.87 -6.94 -5.53
N LEU B 46 -20.02 -8.17 -5.04
CA LEU B 46 -18.91 -9.08 -4.92
C LEU B 46 -18.24 -9.36 -6.26
N SER B 47 -18.91 -9.05 -7.36
CA SER B 47 -18.32 -9.28 -8.70
C SER B 47 -17.53 -8.05 -9.13
N ARG B 48 -17.66 -6.98 -8.38
CA ARG B 48 -16.96 -5.76 -8.66
C ARG B 48 -15.75 -5.67 -7.71
N ASN B 49 -15.86 -6.35 -6.58
CA ASN B 49 -14.80 -6.41 -5.60
C ASN B 49 -14.98 -7.67 -4.78
N PRO B 50 -14.20 -8.72 -5.09
CA PRO B 50 -14.30 -9.99 -4.38
C PRO B 50 -14.07 -9.85 -2.86
N PHE B 51 -13.29 -8.85 -2.46
CA PHE B 51 -12.99 -8.64 -1.05
C PHE B 51 -14.11 -7.91 -0.32
N GLY B 52 -15.15 -7.52 -1.05
CA GLY B 52 -16.29 -6.85 -0.45
C GLY B 52 -16.02 -5.54 0.27
N GLN B 53 -15.35 -4.62 -0.41
CA GLN B 53 -15.10 -3.32 0.19
C GLN B 53 -15.40 -2.25 -0.83
N VAL B 54 -15.72 -1.06 -0.35
CA VAL B 54 -15.98 0.09 -1.23
C VAL B 54 -14.75 0.99 -1.11
N PRO B 55 -14.44 1.78 -2.15
CA PRO B 55 -15.18 1.87 -3.41
C PRO B 55 -14.75 0.84 -4.44
N ALA B 56 -15.54 0.79 -5.51
CA ALA B 56 -15.27 -0.02 -6.70
C ALA B 56 -15.41 1.12 -7.70
N PHE B 57 -15.13 0.88 -8.98
CA PHE B 57 -15.13 1.98 -9.94
C PHE B 57 -15.31 1.41 -11.32
N GLU B 58 -15.81 2.24 -12.21
CA GLU B 58 -16.01 1.84 -13.60
C GLU B 58 -15.78 3.07 -14.45
N ASP B 59 -14.98 2.90 -15.50
CA ASP B 59 -14.69 3.96 -16.47
C ASP B 59 -14.87 3.26 -17.81
N GLY B 60 -16.12 3.20 -18.28
CA GLY B 60 -16.41 2.54 -19.52
C GLY B 60 -16.40 1.06 -19.24
N ASP B 61 -15.63 0.30 -20.02
CA ASP B 61 -15.57 -1.15 -19.82
C ASP B 61 -14.63 -1.45 -18.67
N LEU B 62 -13.70 -0.53 -18.41
CA LEU B 62 -12.74 -0.70 -17.34
C LEU B 62 -13.35 -0.59 -15.93
N LYS B 63 -13.18 -1.68 -15.18
CA LYS B 63 -13.66 -1.83 -13.80
C LYS B 63 -12.43 -1.97 -12.89
N LEU B 64 -12.44 -1.22 -11.78
CA LEU B 64 -11.34 -1.21 -10.81
C LEU B 64 -11.90 -1.18 -9.37
N PHE B 65 -11.03 -1.44 -8.41
CA PHE B 65 -11.34 -1.30 -6.98
C PHE B 65 -10.03 -0.92 -6.31
N GLU B 66 -10.10 -0.58 -5.01
CA GLU B 66 -8.91 -0.18 -4.28
C GLU B 66 -8.61 1.28 -4.69
N SER B 67 -8.95 2.19 -3.79
CA SER B 67 -8.81 3.61 -4.01
C SER B 67 -7.48 4.19 -4.48
N ARG B 68 -6.36 3.65 -3.99
CA ARG B 68 -5.02 4.13 -4.38
C ARG B 68 -4.80 3.86 -5.83
N ALA B 69 -5.26 2.69 -6.30
CA ALA B 69 -5.14 2.28 -7.71
C ALA B 69 -6.09 3.07 -8.62
N ILE B 70 -7.23 3.49 -8.08
CA ILE B 70 -8.20 4.30 -8.83
C ILE B 70 -7.75 5.75 -9.02
N THR B 71 -7.18 6.34 -7.98
CA THR B 71 -6.72 7.73 -8.09
C THR B 71 -5.49 7.88 -9.00
N GLN B 72 -4.63 6.85 -9.07
CA GLN B 72 -3.46 6.87 -9.97
C GLN B 72 -3.93 6.69 -11.41
N TYR B 73 -4.98 5.89 -11.60
CA TYR B 73 -5.57 5.69 -12.91
C TYR B 73 -6.03 7.06 -13.42
N ILE B 74 -6.78 7.76 -12.57
CA ILE B 74 -7.27 9.09 -12.86
C ILE B 74 -6.14 10.07 -13.18
N ALA B 75 -5.11 10.11 -12.34
CA ALA B 75 -3.98 11.01 -12.50
C ALA B 75 -3.25 10.85 -13.85
N HIS B 76 -3.23 9.63 -14.37
CA HIS B 76 -2.59 9.34 -15.64
C HIS B 76 -3.52 9.40 -16.84
N ARG B 77 -4.61 8.64 -16.79
CA ARG B 77 -5.57 8.62 -17.86
C ARG B 77 -6.11 10.01 -18.17
N TYR B 78 -6.26 10.85 -17.15
CA TYR B 78 -6.77 12.20 -17.36
C TYR B 78 -5.72 13.21 -16.99
N GLU B 79 -4.48 12.84 -17.23
CA GLU B 79 -3.35 13.66 -16.90
C GLU B 79 -3.39 15.11 -17.31
N ASN B 80 -3.67 15.33 -18.59
CA ASN B 80 -3.72 16.68 -19.13
C ASN B 80 -5.16 17.15 -19.13
N GLN B 81 -5.64 17.46 -17.93
CA GLN B 81 -7.01 17.89 -17.70
C GLN B 81 -7.04 18.30 -16.20
N GLY B 82 -7.81 19.33 -15.87
CA GLY B 82 -7.90 19.77 -14.48
C GLY B 82 -6.54 19.88 -13.80
N THR B 83 -6.52 19.59 -12.52
CA THR B 83 -5.29 19.66 -11.77
C THR B 83 -4.31 18.54 -12.12
N ASN B 84 -3.02 18.86 -12.02
CA ASN B 84 -2.02 17.83 -12.25
C ASN B 84 -1.80 17.20 -10.88
N LEU B 85 -2.12 15.92 -10.72
CA LEU B 85 -1.93 15.27 -9.45
C LEU B 85 -0.61 14.48 -9.40
N LEU B 86 0.12 14.50 -10.51
CA LEU B 86 1.42 13.85 -10.59
C LEU B 86 2.42 14.99 -10.38
N GLN B 87 3.72 14.70 -10.35
CA GLN B 87 4.73 15.76 -10.16
C GLN B 87 4.73 16.63 -11.41
N THR B 88 5.18 17.88 -11.30
CA THR B 88 5.22 18.77 -12.47
C THR B 88 5.88 18.08 -13.66
N ASP B 89 6.90 17.27 -13.37
CA ASP B 89 7.63 16.50 -14.36
C ASP B 89 7.25 15.06 -14.06
N SER B 90 6.10 14.64 -14.58
CA SER B 90 5.54 13.32 -14.37
C SER B 90 6.15 12.15 -15.14
N LYS B 91 7.17 12.46 -15.93
CA LYS B 91 7.84 11.41 -16.71
C LYS B 91 9.13 11.01 -15.95
N ASN B 92 9.59 11.93 -15.12
CA ASN B 92 10.78 11.74 -14.30
C ASN B 92 10.66 10.61 -13.26
N ILE B 93 11.31 9.49 -13.52
CA ILE B 93 11.34 8.30 -12.66
C ILE B 93 11.78 8.60 -11.22
N SER B 94 12.76 9.47 -11.04
CA SER B 94 13.22 9.76 -9.68
C SER B 94 12.17 10.51 -8.89
N GLN B 95 11.59 11.54 -9.51
CA GLN B 95 10.58 12.35 -8.86
C GLN B 95 9.38 11.50 -8.55
N TYR B 96 9.06 10.61 -9.48
CA TYR B 96 7.94 9.74 -9.24
C TYR B 96 8.23 8.82 -8.03
N ALA B 97 9.48 8.38 -7.88
CA ALA B 97 9.88 7.51 -6.75
C ALA B 97 9.59 8.25 -5.47
N ILE B 98 9.98 9.52 -5.39
CA ILE B 98 9.70 10.32 -4.20
C ILE B 98 8.19 10.32 -3.86
N MET B 99 7.37 10.58 -4.87
CA MET B 99 5.93 10.61 -4.69
C MET B 99 5.41 9.24 -4.27
N ALA B 100 5.93 8.19 -4.87
CA ALA B 100 5.49 6.84 -4.52
C ALA B 100 5.76 6.49 -3.07
N ILE B 101 6.95 6.85 -2.56
CA ILE B 101 7.32 6.53 -1.17
C ILE B 101 6.31 7.17 -0.25
N GLY B 102 5.94 8.43 -0.55
CA GLY B 102 4.99 9.21 0.22
C GLY B 102 3.61 8.56 0.26
N MET B 103 3.14 8.05 -0.88
CA MET B 103 1.84 7.39 -0.96
C MET B 103 1.86 6.10 -0.11
N GLN B 104 3.04 5.48 -0.04
CA GLN B 104 3.21 4.25 0.71
C GLN B 104 3.26 4.56 2.20
N VAL B 105 4.00 5.59 2.58
CA VAL B 105 4.03 6.01 3.97
C VAL B 105 2.57 6.32 4.45
N GLU B 106 1.76 7.07 3.70
CA GLU B 106 0.42 7.33 4.23
C GLU B 106 -0.39 6.06 4.33
N ASP B 107 -0.12 5.10 3.46
CA ASP B 107 -0.85 3.86 3.51
C ASP B 107 -0.44 3.01 4.72
N HIS B 108 0.85 2.96 5.02
CA HIS B 108 1.36 2.14 6.14
C HIS B 108 1.44 2.79 7.51
N GLN B 109 1.80 4.06 7.51
CA GLN B 109 2.03 4.80 8.73
C GLN B 109 0.89 5.66 9.19
N PHE B 110 0.23 6.31 8.25
CA PHE B 110 -0.84 7.23 8.57
C PHE B 110 -2.26 6.66 8.64
N ASP B 111 -2.67 6.03 7.55
CA ASP B 111 -3.99 5.49 7.44
C ASP B 111 -4.57 4.60 8.56
N PRO B 112 -3.85 3.52 8.96
CA PRO B 112 -4.34 2.62 10.02
C PRO B 112 -4.62 3.44 11.28
N VAL B 113 -3.65 4.30 11.62
CA VAL B 113 -3.76 5.18 12.77
C VAL B 113 -4.94 6.14 12.64
N ALA B 114 -4.95 6.96 11.58
CA ALA B 114 -6.04 7.90 11.37
C ALA B 114 -7.42 7.19 11.32
N SER B 115 -7.50 6.02 10.66
CA SER B 115 -8.75 5.23 10.55
C SER B 115 -9.33 4.74 11.86
N LYS B 116 -8.43 4.31 12.75
CA LYS B 116 -8.83 3.81 14.06
C LYS B 116 -9.29 4.97 14.94
N LEU B 117 -8.62 6.11 14.80
CA LEU B 117 -8.95 7.29 15.59
C LEU B 117 -10.33 7.85 15.19
N ALA B 118 -10.70 7.67 13.93
CA ALA B 118 -11.99 8.16 13.45
C ALA B 118 -13.11 7.17 13.76
N PHE B 119 -12.76 5.90 13.81
CA PHE B 119 -13.75 4.88 14.16
C PHE B 119 -14.15 5.07 15.64
N GLU B 120 -13.13 5.24 16.49
CA GLU B 120 -13.30 5.43 17.92
C GLU B 120 -14.12 6.64 18.27
N GLN B 121 -13.72 7.80 17.74
CA GLN B 121 -14.36 9.07 18.04
C GLN B 121 -15.54 9.53 17.17
N ILE B 122 -15.70 8.94 16.00
CA ILE B 122 -16.76 9.38 15.13
C ILE B 122 -17.80 8.30 14.89
N PHE B 123 -17.33 7.15 14.42
CA PHE B 123 -18.22 6.05 14.12
C PHE B 123 -18.98 5.58 15.35
N LYS B 124 -18.26 5.31 16.43
CA LYS B 124 -18.90 4.84 17.65
C LYS B 124 -19.98 5.80 18.18
N SER B 125 -19.82 7.09 17.92
CA SER B 125 -20.73 8.11 18.39
C SER B 125 -22.16 7.98 17.84
N ILE B 126 -22.30 7.63 16.57
CA ILE B 126 -23.59 7.46 15.91
C ILE B 126 -24.42 6.38 16.60
N TYR B 127 -23.75 5.37 17.15
CA TYR B 127 -24.45 4.26 17.78
C TYR B 127 -24.40 4.25 19.28
N GLY B 128 -23.89 5.32 19.87
CA GLY B 128 -23.79 5.39 21.31
C GLY B 128 -22.85 4.36 21.91
N LEU B 129 -21.92 3.83 21.12
CA LEU B 129 -20.93 2.86 21.61
C LEU B 129 -19.89 3.72 22.33
N THR B 130 -19.31 3.22 23.41
CA THR B 130 -18.37 4.06 24.15
C THR B 130 -16.94 4.12 23.57
N THR B 131 -16.50 5.34 23.25
CA THR B 131 -15.15 5.51 22.69
C THR B 131 -14.12 5.09 23.74
N ASP B 132 -13.26 4.14 23.38
CA ASP B 132 -12.23 3.64 24.28
C ASP B 132 -11.14 4.72 24.31
N GLU B 133 -10.82 5.26 25.49
CA GLU B 133 -9.80 6.30 25.57
C GLU B 133 -8.37 5.80 25.73
N ALA B 134 -8.21 4.52 26.01
CA ALA B 134 -6.87 3.99 26.12
C ALA B 134 -6.37 3.90 24.69
N VAL B 135 -7.19 3.33 23.81
CA VAL B 135 -6.83 3.17 22.41
C VAL B 135 -6.64 4.53 21.75
N VAL B 136 -7.47 5.50 22.09
CA VAL B 136 -7.32 6.80 21.50
C VAL B 136 -5.97 7.41 21.86
N ALA B 137 -5.58 7.31 23.12
CA ALA B 137 -4.31 7.87 23.61
C ALA B 137 -3.13 7.22 22.94
N GLU B 138 -3.23 5.91 22.81
CA GLU B 138 -2.19 5.09 22.18
C GLU B 138 -2.00 5.43 20.71
N GLU B 139 -3.09 5.31 19.98
CA GLU B 139 -3.11 5.57 18.57
C GLU B 139 -2.65 6.99 18.28
N GLU B 140 -2.95 7.89 19.20
CA GLU B 140 -2.57 9.28 19.04
C GLU B 140 -1.10 9.39 19.20
N ALA B 141 -0.53 8.58 20.10
CA ALA B 141 0.92 8.62 20.26
C ALA B 141 1.58 8.19 18.91
N LYS B 142 1.00 7.22 18.21
CA LYS B 142 1.56 6.78 16.94
C LYS B 142 1.41 7.87 15.89
N LEU B 143 0.30 8.60 15.91
CA LEU B 143 0.10 9.66 14.92
C LEU B 143 1.06 10.84 15.14
N ALA B 144 1.23 11.22 16.40
CA ALA B 144 2.09 12.34 16.74
C ALA B 144 3.46 12.10 16.11
N LYS B 145 4.02 10.92 16.31
CA LYS B 145 5.34 10.64 15.79
C LYS B 145 5.42 10.56 14.26
N VAL B 146 4.31 10.23 13.60
CA VAL B 146 4.27 10.21 12.13
C VAL B 146 4.25 11.68 11.69
N LEU B 147 3.49 12.52 12.40
CA LEU B 147 3.39 13.90 12.06
C LEU B 147 4.68 14.67 12.34
N ASP B 148 5.53 14.12 13.20
CA ASP B 148 6.81 14.75 13.50
C ASP B 148 7.73 14.62 12.26
N VAL B 149 7.58 13.50 11.57
CA VAL B 149 8.31 13.19 10.35
C VAL B 149 7.80 14.15 9.30
N TYR B 150 6.48 14.31 9.20
CA TYR B 150 5.94 15.25 8.25
C TYR B 150 6.42 16.67 8.56
N GLU B 151 6.51 17.04 9.84
CA GLU B 151 6.94 18.41 10.18
C GLU B 151 8.35 18.71 9.68
N ALA B 152 9.23 17.72 9.75
CA ALA B 152 10.60 17.85 9.26
C ALA B 152 10.62 18.03 7.74
N ARG B 153 9.86 17.17 7.07
CA ARG B 153 9.74 17.18 5.62
C ARG B 153 9.17 18.49 5.10
N LEU B 154 8.05 18.92 5.70
CA LEU B 154 7.35 20.13 5.30
C LEU B 154 8.16 21.39 5.59
N LYS B 155 9.24 21.28 6.34
CA LYS B 155 10.10 22.43 6.60
C LYS B 155 11.03 22.62 5.38
N GLU B 156 11.24 21.54 4.66
CA GLU B 156 12.06 21.49 3.46
C GLU B 156 11.27 21.84 2.19
N PHE B 157 10.13 21.16 2.03
CA PHE B 157 9.27 21.34 0.88
C PHE B 157 7.88 21.85 1.22
N LYS B 158 7.25 22.50 0.24
CA LYS B 158 5.91 23.04 0.39
C LYS B 158 4.93 21.90 0.64
N TYR B 159 5.10 20.78 -0.08
CA TYR B 159 4.25 19.61 0.10
C TYR B 159 5.09 18.37 0.40
N LEU B 160 4.44 17.26 0.69
CA LEU B 160 5.15 16.04 1.02
C LEU B 160 6.04 15.49 -0.11
N ALA B 161 5.55 15.43 -1.35
CA ALA B 161 6.39 14.89 -2.44
C ALA B 161 7.28 15.93 -3.13
N GLY B 162 7.16 17.19 -2.72
CA GLY B 162 7.95 18.24 -3.31
C GLY B 162 7.26 19.57 -3.16
N GLU B 163 7.54 20.50 -4.07
CA GLU B 163 6.96 21.85 -4.02
C GLU B 163 5.56 21.91 -4.58
N THR B 164 5.04 20.79 -5.03
CA THR B 164 3.73 20.77 -5.66
C THR B 164 2.79 19.76 -4.99
N PHE B 165 1.48 20.04 -5.08
CA PHE B 165 0.44 19.20 -4.51
C PHE B 165 0.22 18.00 -5.43
N THR B 166 0.37 16.82 -4.87
CA THR B 166 0.24 15.59 -5.63
C THR B 166 -0.68 14.57 -4.97
N LEU B 167 -0.72 13.38 -5.57
CA LEU B 167 -1.48 12.23 -5.07
C LEU B 167 -1.05 11.93 -3.63
N THR B 168 0.20 12.16 -3.32
CA THR B 168 0.70 11.88 -1.97
C THR B 168 -0.06 12.71 -0.91
N ASP B 169 -0.33 13.97 -1.23
CA ASP B 169 -1.05 14.84 -0.31
C ASP B 169 -2.54 14.51 -0.29
N LEU B 170 -3.13 14.48 -1.49
CA LEU B 170 -4.56 14.20 -1.70
C LEU B 170 -5.03 13.02 -0.87
N HIS B 171 -4.22 11.96 -0.87
CA HIS B 171 -4.57 10.76 -0.16
C HIS B 171 -4.84 10.86 1.35
N HIS B 172 -4.33 11.92 1.99
CA HIS B 172 -4.50 12.19 3.42
C HIS B 172 -5.74 13.04 3.75
N ILE B 173 -6.26 13.79 2.76
CA ILE B 173 -7.40 14.70 2.98
C ILE B 173 -8.65 14.16 3.71
N PRO B 174 -9.29 13.10 3.18
CA PRO B 174 -10.48 12.53 3.85
C PRO B 174 -10.29 12.24 5.38
N ALA B 175 -9.19 11.58 5.75
CA ALA B 175 -8.92 11.27 7.15
C ALA B 175 -8.69 12.53 7.98
N ILE B 176 -7.93 13.48 7.44
CA ILE B 176 -7.68 14.76 8.12
C ILE B 176 -8.97 15.57 8.29
N GLN B 177 -9.82 15.64 7.26
CA GLN B 177 -11.09 16.35 7.36
C GLN B 177 -11.84 15.88 8.63
N TYR B 178 -11.86 14.57 8.84
CA TYR B 178 -12.54 13.96 9.97
C TYR B 178 -11.96 14.28 11.34
N LEU B 179 -10.68 13.99 11.51
CA LEU B 179 -10.03 14.22 12.77
C LEU B 179 -9.94 15.67 13.20
N LEU B 180 -10.19 16.56 12.26
CA LEU B 180 -10.15 17.97 12.57
C LEU B 180 -11.42 18.35 13.33
N GLY B 181 -12.42 17.47 13.30
CA GLY B 181 -13.66 17.73 14.00
C GLY B 181 -13.72 16.81 15.21
N THR B 182 -12.53 16.53 15.71
CA THR B 182 -12.30 15.62 16.79
C THR B 182 -11.18 16.29 17.59
N PRO B 183 -11.00 15.90 18.86
CA PRO B 183 -9.92 16.52 19.65
C PRO B 183 -8.48 16.16 19.22
N THR B 184 -8.34 15.33 18.18
CA THR B 184 -7.02 14.96 17.67
C THR B 184 -6.45 16.12 16.85
N LYS B 185 -7.29 17.08 16.48
CA LYS B 185 -6.82 18.22 15.70
C LYS B 185 -5.71 19.00 16.40
N LYS B 186 -5.56 18.82 17.70
CA LYS B 186 -4.51 19.48 18.49
C LYS B 186 -3.13 19.06 17.97
N LEU B 187 -3.04 17.80 17.54
CA LEU B 187 -1.83 17.22 16.98
C LEU B 187 -1.41 17.93 15.69
N PHE B 188 -2.38 18.26 14.85
CA PHE B 188 -2.11 18.93 13.59
C PHE B 188 -1.81 20.39 13.83
N THR B 189 -2.63 21.02 14.64
CA THR B 189 -2.45 22.44 14.91
C THR B 189 -1.20 22.86 15.72
N GLU B 190 -0.74 22.00 16.62
CA GLU B 190 0.43 22.36 17.40
C GLU B 190 1.75 22.17 16.64
N ARG B 191 1.67 21.65 15.41
CA ARG B 191 2.81 21.43 14.50
C ARG B 191 2.68 22.46 13.36
N PRO B 192 3.37 23.60 13.49
CA PRO B 192 3.39 24.74 12.56
C PRO B 192 3.32 24.48 11.06
N ARG B 193 4.24 23.68 10.53
CA ARG B 193 4.28 23.36 9.10
C ARG B 193 3.10 22.46 8.71
N VAL B 194 2.83 21.46 9.55
CA VAL B 194 1.71 20.56 9.31
C VAL B 194 0.41 21.35 9.33
N ASN B 195 0.34 22.32 10.24
CA ASN B 195 -0.84 23.13 10.38
C ASN B 195 -1.12 23.87 9.07
N GLU B 196 -0.11 24.55 8.53
CA GLU B 196 -0.26 25.25 7.24
C GLU B 196 -0.63 24.30 6.09
N TRP B 197 0.03 23.14 6.08
CA TRP B 197 -0.17 22.11 5.07
C TRP B 197 -1.61 21.63 5.06
N VAL B 198 -2.13 21.34 6.24
CA VAL B 198 -3.49 20.88 6.43
C VAL B 198 -4.48 21.94 5.92
N ALA B 199 -4.27 23.20 6.29
CA ALA B 199 -5.19 24.22 5.82
C ALA B 199 -5.15 24.31 4.30
N GLU B 200 -3.94 24.29 3.74
CA GLU B 200 -3.75 24.34 2.29
C GLU B 200 -4.58 23.29 1.57
N ILE B 201 -4.40 22.04 1.96
CA ILE B 201 -5.12 20.95 1.30
C ILE B 201 -6.58 20.75 1.69
N THR B 202 -7.02 21.36 2.79
CA THR B 202 -8.43 21.23 3.19
C THR B 202 -9.31 22.32 2.54
N LYS B 203 -8.71 23.48 2.26
CA LYS B 203 -9.46 24.56 1.67
C LYS B 203 -9.63 24.43 0.17
N ARG B 204 -9.17 23.33 -0.43
CA ARG B 204 -9.31 23.18 -1.87
C ARG B 204 -10.73 22.85 -2.21
N PRO B 205 -11.30 23.54 -3.22
CA PRO B 205 -12.70 23.24 -3.60
C PRO B 205 -13.04 21.76 -3.72
N ALA B 206 -12.22 20.97 -4.42
CA ALA B 206 -12.49 19.51 -4.55
C ALA B 206 -12.55 18.77 -3.21
N SER B 207 -11.86 19.31 -2.20
CA SER B 207 -11.83 18.74 -0.85
C SER B 207 -13.15 19.05 -0.15
N GLU B 208 -13.57 20.30 -0.32
CA GLU B 208 -14.79 20.82 0.29
C GLU B 208 -16.06 20.26 -0.29
N LYS B 209 -15.99 19.80 -1.53
CA LYS B 209 -17.14 19.20 -2.17
C LYS B 209 -17.48 17.79 -1.62
N VAL B 210 -16.56 17.18 -0.87
CA VAL B 210 -16.81 15.85 -0.30
C VAL B 210 -17.19 15.85 1.20
N GLN B 211 -16.90 16.94 1.90
CA GLN B 211 -17.17 17.09 3.32
C GLN B 211 -18.64 16.99 3.76
#